data_3W1X
#
_entry.id   3W1X
#
_cell.length_a   67.947
_cell.length_b   71.847
_cell.length_c   129.138
_cell.angle_alpha   90.00
_cell.angle_beta   90.00
_cell.angle_gamma   90.00
#
_symmetry.space_group_name_H-M   'P 21 21 21'
#
loop_
_entity.id
_entity.type
_entity.pdbx_description
1 polymer 'Dihydroorotate dehydrogenase (fumarate)'
2 non-polymer '5-{2-[4-(cyanomethyl)phenyl]ethyl}-2,6-dioxo-1,2,3,6-tetrahydropyrimidine-4-carboxylic acid'
3 non-polymer GLYCEROL
4 non-polymer 'FLAVIN MONONUCLEOTIDE'
5 non-polymer 'COBALT HEXAMMINE(III)'
6 water water
#
_entity_poly.entity_id   1
_entity_poly.type   'polypeptide(L)'
_entity_poly.pdbx_seq_one_letter_code
;MCLKLNLLDHVFANPFMNAAGVLCSTEEDLRCMTASSSGALVSKSCTSAPRDGNPEPRYMAFPLGSINSMGLPNLGFDFY
LKYASDLHDYSKKPLFLSISGLSVEENVAMVRRLAPVAQEKGVLLELNLSCPNVPGKPQVAYDFEAMRTYLQQVSLAYGL
PFGVKMPPYFDIAHFDTAAAVLNEFPLVKFVTCVNSVGNGLVIDAESESVVIKPKQGFGGLGGKYILPTALANVNAFYRR
CPDKLVFGCGGVYSGEDAFLHILAGASMVQVGTALQEEGPGIFTRLEDELLEIMARKGYRTLEEFRGRVKTIE
;
_entity_poly.pdbx_strand_id   A,B
#
# COMPACT_ATOMS: atom_id res chain seq x y z
N MET A 1 23.04 -28.51 6.58
CA MET A 1 22.06 -27.34 6.39
C MET A 1 22.71 -26.28 5.52
N CYS A 2 22.00 -25.78 4.52
CA CYS A 2 22.67 -24.75 3.67
C CYS A 2 21.64 -23.88 2.94
N LEU A 3 22.17 -22.73 2.64
CA LEU A 3 21.39 -21.63 1.99
C LEU A 3 21.63 -21.53 0.50
N LYS A 4 22.36 -22.50 -0.12
CA LYS A 4 22.71 -22.44 -1.50
C LYS A 4 21.55 -22.61 -2.38
N LEU A 5 21.61 -21.90 -3.50
CA LEU A 5 20.68 -22.04 -4.59
C LEU A 5 21.31 -22.04 -5.95
N ASN A 6 20.68 -22.68 -6.91
CA ASN A 6 21.15 -22.79 -8.25
C ASN A 6 19.92 -22.41 -9.06
N LEU A 7 19.98 -21.27 -9.70
CA LEU A 7 18.90 -20.79 -10.57
C LEU A 7 19.46 -19.93 -11.68
N LEU A 8 18.67 -19.85 -12.74
CA LEU A 8 19.05 -19.05 -13.91
C LEU A 8 20.46 -19.37 -14.37
N ASP A 9 20.85 -20.66 -14.29
CA ASP A 9 22.16 -21.05 -14.65
C ASP A 9 23.32 -20.41 -13.94
N HIS A 10 23.05 -19.96 -12.72
CA HIS A 10 24.02 -19.48 -11.77
C HIS A 10 23.94 -20.12 -10.42
N VAL A 11 25.00 -20.03 -9.63
CA VAL A 11 25.03 -20.59 -8.31
C VAL A 11 25.17 -19.41 -7.33
N PHE A 12 24.40 -19.51 -6.27
CA PHE A 12 24.32 -18.48 -5.27
C PHE A 12 24.60 -19.10 -3.90
N ALA A 13 25.50 -18.49 -3.14
CA ALA A 13 25.86 -19.01 -1.84
C ALA A 13 24.65 -18.97 -0.87
N ASN A 14 23.78 -17.94 -1.06
CA ASN A 14 22.65 -17.73 -0.20
C ASN A 14 21.66 -16.85 -1.02
N PRO A 15 20.44 -16.71 -0.55
CA PRO A 15 19.41 -15.96 -1.33
C PRO A 15 19.47 -14.45 -1.25
N PHE A 16 20.33 -13.95 -0.40
CA PHE A 16 20.27 -12.47 -0.10
C PHE A 16 21.03 -11.66 -1.07
N MET A 17 20.42 -10.48 -1.40
CA MET A 17 21.07 -9.46 -2.23
C MET A 17 20.56 -8.11 -1.85
N ASN A 18 21.24 -7.08 -2.32
CA ASN A 18 20.64 -5.72 -2.16
C ASN A 18 19.46 -5.60 -3.04
N ALA A 19 18.52 -4.71 -2.69
CA ALA A 19 17.49 -4.19 -3.56
C ALA A 19 18.04 -3.14 -4.46
N ALA A 20 17.61 -3.06 -5.69
CA ALA A 20 18.13 -2.08 -6.60
C ALA A 20 17.91 -0.69 -6.01
N GLY A 21 18.93 0.14 -6.15
CA GLY A 21 19.02 1.46 -5.63
C GLY A 21 19.76 1.63 -4.37
N VAL A 22 19.86 0.56 -3.59
CA VAL A 22 20.58 0.64 -2.28
C VAL A 22 21.98 0.09 -2.42
N LEU A 23 22.97 0.84 -2.04
CA LEU A 23 24.37 0.43 -2.04
C LEU A 23 24.81 -0.12 -3.38
N CYS A 24 24.56 0.61 -4.45
CA CYS A 24 24.84 0.05 -5.78
C CYS A 24 24.94 1.08 -6.87
N SER A 25 25.21 2.32 -6.54
CA SER A 25 25.25 3.39 -7.56
C SER A 25 26.60 3.67 -8.12
N THR A 26 27.65 3.59 -7.32
CA THR A 26 29.04 3.87 -7.72
C THR A 26 29.88 2.59 -7.76
N GLU A 27 31.05 2.68 -8.39
CA GLU A 27 31.95 1.59 -8.35
C GLU A 27 32.31 1.16 -6.91
N GLU A 28 32.51 2.17 -6.04
CA GLU A 28 32.72 1.89 -4.65
C GLU A 28 31.61 1.05 -4.01
N ASP A 29 30.37 1.44 -4.31
CA ASP A 29 29.22 0.73 -3.78
C ASP A 29 29.19 -0.71 -4.25
N LEU A 30 29.46 -0.92 -5.55
CA LEU A 30 29.39 -2.28 -6.12
C LEU A 30 30.52 -3.16 -5.60
N ARG A 31 31.70 -2.59 -5.42
CA ARG A 31 32.75 -3.28 -4.79
C ARG A 31 32.42 -3.68 -3.35
N CYS A 32 31.77 -2.79 -2.61
CA CYS A 32 31.34 -3.10 -1.28
C CYS A 32 30.31 -4.21 -1.20
N MET A 33 29.31 -4.12 -2.09
CA MET A 33 28.34 -5.23 -2.20
C MET A 33 29.02 -6.55 -2.55
N THR A 34 30.03 -6.48 -3.46
CA THR A 34 30.72 -7.71 -3.87
C THR A 34 31.49 -8.28 -2.68
N ALA A 35 32.15 -7.44 -1.86
CA ALA A 35 32.93 -7.91 -0.71
C ALA A 35 32.05 -8.42 0.42
N SER A 36 30.78 -8.04 0.44
CA SER A 36 29.84 -8.49 1.52
C SER A 36 29.53 -10.00 1.41
N SER A 37 28.79 -10.48 2.38
CA SER A 37 28.38 -11.90 2.43
C SER A 37 27.15 -12.10 1.59
N SER A 38 26.60 -11.12 0.91
CA SER A 38 25.41 -11.42 0.10
C SER A 38 25.63 -12.44 -0.97
N GLY A 39 24.59 -13.13 -1.37
CA GLY A 39 24.64 -14.11 -2.43
C GLY A 39 24.73 -13.54 -3.84
N ALA A 40 24.26 -12.30 -4.00
CA ALA A 40 24.33 -11.62 -5.30
C ALA A 40 24.28 -10.14 -5.05
N LEU A 41 24.40 -9.38 -6.13
CA LEU A 41 24.13 -7.92 -6.08
C LEU A 41 23.45 -7.49 -7.31
N VAL A 42 22.77 -6.38 -7.23
CA VAL A 42 22.13 -5.69 -8.41
C VAL A 42 22.61 -4.25 -8.45
N SER A 43 22.89 -3.76 -9.65
CA SER A 43 23.18 -2.30 -9.84
C SER A 43 22.04 -1.42 -9.83
N LYS A 44 22.29 -0.12 -9.49
CA LYS A 44 21.29 0.89 -9.49
C LYS A 44 20.60 0.95 -10.86
N SER A 45 19.29 1.12 -10.83
CA SER A 45 18.56 1.28 -12.13
C SER A 45 19.16 2.45 -12.88
N CYS A 46 19.44 2.18 -14.15
CA CYS A 46 20.10 3.20 -14.98
C CYS A 46 19.27 3.64 -16.16
N THR A 47 19.72 4.83 -16.62
CA THR A 47 19.21 5.48 -17.84
C THR A 47 20.39 5.56 -18.81
N SER A 48 20.02 5.92 -20.06
CA SER A 48 21.05 6.09 -21.09
C SER A 48 22.11 7.10 -20.73
N ALA A 49 21.67 8.21 -20.22
CA ALA A 49 22.52 9.27 -19.77
C ALA A 49 22.55 9.29 -18.24
N PRO A 50 23.74 9.83 -17.79
CA PRO A 50 23.80 10.04 -16.34
C PRO A 50 22.75 11.06 -15.85
N ARG A 51 22.31 10.85 -14.61
CA ARG A 51 21.33 11.71 -13.94
C ARG A 51 21.77 12.07 -12.53
N ASP A 52 21.55 13.33 -12.22
CA ASP A 52 21.70 13.86 -10.87
C ASP A 52 20.57 13.46 -9.91
N GLY A 53 19.41 13.27 -10.47
CA GLY A 53 18.24 13.00 -9.67
C GLY A 53 17.66 14.25 -9.04
N ASN A 54 16.79 14.02 -8.08
CA ASN A 54 16.06 15.08 -7.46
C ASN A 54 16.86 15.77 -6.38
N PRO A 55 16.34 16.95 -6.02
CA PRO A 55 16.95 17.70 -4.92
C PRO A 55 16.78 17.02 -3.59
N GLU A 56 17.78 17.23 -2.76
CA GLU A 56 17.81 16.69 -1.42
C GLU A 56 17.16 17.63 -0.47
N PRO A 57 16.56 17.16 0.72
CA PRO A 57 16.52 15.73 1.04
C PRO A 57 15.54 14.92 0.19
N ARG A 58 15.94 13.73 -0.18
CA ARG A 58 15.14 12.88 -1.07
C ARG A 58 14.92 11.44 -0.57
N TYR A 59 15.60 11.11 0.51
CA TYR A 59 15.44 9.86 1.23
C TYR A 59 15.43 10.13 2.71
N MET A 60 14.47 9.54 3.43
CA MET A 60 14.49 9.55 4.89
C MET A 60 14.00 8.26 5.46
N ALA A 61 14.60 7.87 6.57
CA ALA A 61 14.23 6.65 7.24
C ALA A 61 13.87 6.87 8.72
N PHE A 62 13.03 5.97 9.21
CA PHE A 62 12.35 6.06 10.49
C PHE A 62 12.18 4.63 11.04
N PRO A 63 11.74 4.47 12.30
CA PRO A 63 11.75 3.12 12.84
C PRO A 63 10.92 2.15 12.02
N LEU A 64 9.84 2.57 11.36
CA LEU A 64 9.04 1.63 10.61
C LEU A 64 9.37 1.59 9.11
N GLY A 65 10.32 2.38 8.66
CA GLY A 65 10.69 2.27 7.23
C GLY A 65 11.18 3.49 6.63
N SER A 66 11.12 3.65 5.32
CA SER A 66 11.71 4.76 4.63
C SER A 66 10.74 5.29 3.57
N ILE A 67 11.06 6.50 3.14
CA ILE A 67 10.39 7.19 2.03
C ILE A 67 11.40 7.77 1.13
N ASN A 68 11.19 7.67 -0.16
CA ASN A 68 12.14 8.19 -1.13
C ASN A 68 11.48 8.73 -2.39
N SER A 69 12.00 9.83 -2.88
CA SER A 69 11.76 10.32 -4.26
C SER A 69 13.11 10.66 -4.86
N MET A 70 13.93 9.66 -5.10
CA MET A 70 15.31 9.86 -5.57
C MET A 70 15.38 10.51 -6.93
N GLY A 71 14.50 10.10 -7.85
CA GLY A 71 14.49 10.63 -9.22
C GLY A 71 15.48 9.99 -10.09
N LEU A 72 15.81 8.74 -9.87
CA LEU A 72 16.71 7.96 -10.73
C LEU A 72 18.09 8.59 -10.85
N PRO A 73 18.75 9.01 -9.82
CA PRO A 73 20.15 9.42 -9.93
C PRO A 73 20.99 8.21 -10.27
N ASN A 74 21.85 8.31 -11.28
CA ASN A 74 22.68 7.16 -11.64
C ASN A 74 23.83 7.63 -12.54
N LEU A 75 24.84 6.76 -12.70
CA LEU A 75 26.05 7.10 -13.49
C LEU A 75 25.86 6.89 -14.94
N GLY A 76 24.75 6.39 -15.39
CA GLY A 76 24.48 6.14 -16.84
C GLY A 76 24.82 4.74 -17.20
N PHE A 77 24.12 4.28 -18.25
CA PHE A 77 24.26 2.94 -18.70
C PHE A 77 25.67 2.53 -19.00
N ASP A 78 26.42 3.37 -19.71
CA ASP A 78 27.73 2.94 -20.08
C ASP A 78 28.59 2.56 -18.89
N PHE A 79 28.45 3.29 -17.79
CA PHE A 79 29.16 2.96 -16.57
C PHE A 79 28.82 1.54 -16.05
N TYR A 80 27.52 1.26 -15.95
CA TYR A 80 27.10 -0.06 -15.43
C TYR A 80 27.44 -1.21 -16.34
N LEU A 81 27.39 -0.91 -17.65
CA LEU A 81 27.80 -1.92 -18.70
C LEU A 81 29.29 -2.20 -18.57
N LYS A 82 30.11 -1.17 -18.35
CA LYS A 82 31.56 -1.37 -18.16
C LYS A 82 31.84 -2.11 -16.91
N TYR A 83 31.09 -1.83 -15.82
CA TYR A 83 31.27 -2.60 -14.58
C TYR A 83 31.03 -4.12 -14.83
N ALA A 84 29.93 -4.37 -15.52
CA ALA A 84 29.56 -5.75 -15.84
C ALA A 84 30.58 -6.40 -16.81
N SER A 85 31.03 -5.65 -17.78
CA SER A 85 31.92 -6.19 -18.80
C SER A 85 33.35 -6.37 -18.34
N ASP A 86 33.86 -5.46 -17.54
CA ASP A 86 35.28 -5.33 -17.30
C ASP A 86 35.65 -5.39 -15.82
N LEU A 87 34.77 -4.97 -14.88
CA LEU A 87 35.19 -4.76 -13.48
C LEU A 87 34.70 -5.84 -12.51
N HIS A 88 33.48 -6.31 -12.66
CA HIS A 88 32.92 -7.26 -11.68
C HIS A 88 33.71 -8.56 -11.70
N ASP A 89 33.90 -9.06 -10.49
CA ASP A 89 34.48 -10.33 -10.34
C ASP A 89 33.38 -11.39 -10.14
N TYR A 90 33.02 -12.06 -11.23
CA TYR A 90 32.06 -13.09 -11.27
C TYR A 90 32.46 -14.35 -10.48
N SER A 91 33.71 -14.42 -10.06
CA SER A 91 34.07 -15.58 -9.21
C SER A 91 33.51 -15.30 -7.78
N LYS A 92 33.20 -14.06 -7.40
CA LYS A 92 32.71 -13.84 -6.07
C LYS A 92 31.19 -14.10 -5.94
N LYS A 93 30.41 -13.63 -6.89
CA LYS A 93 28.96 -13.80 -6.87
C LYS A 93 28.37 -13.29 -8.16
N PRO A 94 27.16 -13.71 -8.47
CA PRO A 94 26.45 -13.16 -9.65
C PRO A 94 26.08 -11.75 -9.58
N LEU A 95 26.01 -11.09 -10.69
CA LEU A 95 25.59 -9.70 -10.90
C LEU A 95 24.35 -9.63 -11.69
N PHE A 96 23.37 -8.83 -11.18
CA PHE A 96 22.23 -8.33 -11.92
C PHE A 96 22.41 -6.86 -12.22
N LEU A 97 21.98 -6.46 -13.43
CA LEU A 97 22.01 -5.08 -13.85
C LEU A 97 20.60 -4.64 -13.98
N SER A 98 20.19 -3.56 -13.30
CA SER A 98 18.84 -3.04 -13.40
C SER A 98 18.80 -1.88 -14.39
N ILE A 99 17.86 -1.91 -15.28
CA ILE A 99 17.62 -0.86 -16.20
C ILE A 99 16.30 -0.21 -16.05
N SER A 100 16.21 1.10 -16.19
CA SER A 100 14.96 1.80 -16.00
C SER A 100 14.89 2.98 -16.93
N GLY A 101 14.93 2.75 -18.24
CA GLY A 101 14.71 3.78 -19.22
C GLY A 101 13.33 4.48 -19.03
N LEU A 102 13.37 5.72 -19.49
CA LEU A 102 12.24 6.63 -19.36
C LEU A 102 11.24 6.54 -20.52
N SER A 103 11.56 5.72 -21.50
CA SER A 103 10.72 5.36 -22.62
C SER A 103 11.06 3.93 -23.06
N VAL A 104 10.19 3.34 -23.83
CA VAL A 104 10.45 2.02 -24.40
C VAL A 104 11.68 2.05 -25.28
N GLU A 105 11.83 3.11 -26.04
CA GLU A 105 12.98 3.26 -26.91
C GLU A 105 14.33 3.30 -26.16
N GLU A 106 14.35 3.99 -25.03
CA GLU A 106 15.55 4.05 -24.19
C GLU A 106 15.93 2.67 -23.64
N ASN A 107 14.94 1.88 -23.22
CA ASN A 107 15.18 0.53 -22.75
C ASN A 107 15.70 -0.39 -23.86
N VAL A 108 15.08 -0.26 -25.03
CA VAL A 108 15.49 -1.05 -26.15
C VAL A 108 16.95 -0.75 -26.52
N ALA A 109 17.31 0.49 -26.51
CA ALA A 109 18.66 0.88 -26.79
C ALA A 109 19.67 0.28 -25.85
N MET A 110 19.32 0.26 -24.57
CA MET A 110 20.22 -0.29 -23.60
C MET A 110 20.31 -1.79 -23.72
N VAL A 111 19.15 -2.49 -23.77
CA VAL A 111 19.21 -3.99 -23.77
C VAL A 111 19.88 -4.54 -25.05
N ARG A 112 19.79 -3.79 -26.12
CA ARG A 112 20.58 -4.27 -27.32
C ARG A 112 22.02 -4.32 -27.07
N ARG A 113 22.59 -3.36 -26.34
CA ARG A 113 23.96 -3.37 -26.04
C ARG A 113 24.36 -4.21 -24.85
N LEU A 114 23.42 -4.43 -23.91
CA LEU A 114 23.68 -5.40 -22.80
C LEU A 114 23.78 -6.86 -23.26
N ALA A 115 22.94 -7.20 -24.24
CA ALA A 115 22.88 -8.60 -24.70
C ALA A 115 24.21 -9.32 -24.85
N PRO A 116 25.16 -8.78 -25.63
CA PRO A 116 26.40 -9.57 -25.87
C PRO A 116 27.19 -9.75 -24.57
N VAL A 117 27.09 -8.79 -23.62
CA VAL A 117 27.78 -8.88 -22.34
C VAL A 117 27.07 -9.88 -21.46
N ALA A 118 25.75 -9.89 -21.47
CA ALA A 118 24.98 -10.96 -20.80
C ALA A 118 25.37 -12.31 -21.27
N GLN A 119 25.41 -12.49 -22.59
CA GLN A 119 25.81 -13.76 -23.17
C GLN A 119 27.21 -14.16 -22.81
N GLU A 120 28.20 -13.29 -22.90
CA GLU A 120 29.56 -13.60 -22.62
C GLU A 120 29.94 -13.68 -21.16
N LYS A 121 29.43 -12.78 -20.31
CA LYS A 121 29.84 -12.70 -18.90
C LYS A 121 28.76 -13.25 -17.94
N GLY A 122 27.54 -13.34 -18.34
CA GLY A 122 26.49 -13.91 -17.49
C GLY A 122 25.77 -12.89 -16.58
N VAL A 123 26.07 -11.62 -16.80
CA VAL A 123 25.24 -10.61 -16.08
C VAL A 123 23.81 -10.80 -16.41
N LEU A 124 22.91 -10.65 -15.41
CA LEU A 124 21.46 -10.85 -15.50
C LEU A 124 20.66 -9.56 -15.50
N LEU A 125 19.78 -9.41 -16.40
CA LEU A 125 18.99 -8.20 -16.54
C LEU A 125 17.76 -8.21 -15.61
N GLU A 126 17.59 -7.15 -14.80
CA GLU A 126 16.31 -6.83 -14.09
C GLU A 126 15.78 -5.58 -14.73
N LEU A 127 14.68 -5.72 -15.45
CA LEU A 127 14.01 -4.56 -16.04
C LEU A 127 12.99 -3.95 -15.08
N ASN A 128 13.21 -2.67 -14.75
CA ASN A 128 12.33 -1.98 -13.83
C ASN A 128 11.08 -1.42 -14.50
N LEU A 129 9.94 -2.01 -14.18
CA LEU A 129 8.66 -1.57 -14.76
C LEU A 129 7.89 -0.64 -13.87
N SER A 130 8.39 -0.46 -12.66
CA SER A 130 7.80 0.39 -11.62
C SER A 130 8.46 1.66 -11.73
N CYS A 131 8.21 2.30 -12.84
CA CYS A 131 8.93 3.38 -13.34
C CYS A 131 8.00 4.34 -14.16
N PRO A 132 8.31 5.70 -14.08
CA PRO A 132 7.55 6.59 -14.98
C PRO A 132 7.69 6.42 -16.50
N ASN A 133 6.60 6.68 -17.17
CA ASN A 133 6.58 6.77 -18.62
C ASN A 133 6.17 8.21 -18.95
N VAL A 134 5.05 8.39 -19.61
CA VAL A 134 4.61 9.78 -19.90
C VAL A 134 4.09 10.49 -18.65
N PRO A 135 4.61 11.68 -18.23
CA PRO A 135 3.96 12.32 -17.07
C PRO A 135 2.42 12.54 -17.26
N GLY A 136 1.58 12.28 -16.26
CA GLY A 136 0.15 12.22 -16.29
C GLY A 136 -0.51 10.93 -16.62
N LYS A 137 0.36 9.96 -16.98
CA LYS A 137 -0.03 8.57 -17.10
C LYS A 137 0.57 7.87 -15.84
N PRO A 138 -0.09 6.74 -15.53
CA PRO A 138 0.44 5.94 -14.40
C PRO A 138 1.76 5.31 -14.76
N GLN A 139 2.48 4.92 -13.74
CA GLN A 139 3.71 4.20 -13.96
C GLN A 139 3.48 2.99 -14.88
N VAL A 140 4.58 2.58 -15.58
CA VAL A 140 4.42 1.56 -16.60
C VAL A 140 3.66 0.32 -16.20
N ALA A 141 3.97 -0.25 -15.02
CA ALA A 141 3.35 -1.47 -14.62
C ALA A 141 1.93 -1.29 -14.05
N TYR A 142 1.48 -0.05 -13.96
CA TYR A 142 0.10 0.22 -13.67
C TYR A 142 -0.68 0.56 -14.94
N ASP A 143 -0.05 0.43 -16.10
CA ASP A 143 -0.70 0.72 -17.40
C ASP A 143 -0.46 -0.52 -18.22
N PHE A 144 -1.40 -1.44 -18.20
CA PHE A 144 -1.13 -2.78 -18.72
C PHE A 144 -0.78 -2.82 -20.20
N GLU A 145 -1.38 -1.97 -20.99
CA GLU A 145 -0.99 -1.87 -22.38
C GLU A 145 0.44 -1.41 -22.59
N ALA A 146 0.88 -0.43 -21.81
CA ALA A 146 2.26 -0.03 -21.87
C ALA A 146 3.20 -1.13 -21.41
N MET A 147 2.82 -1.82 -20.36
CA MET A 147 3.64 -2.90 -19.89
C MET A 147 3.85 -3.98 -20.96
N ARG A 148 2.78 -4.32 -21.66
CA ARG A 148 2.89 -5.30 -22.72
C ARG A 148 3.83 -4.82 -23.82
N THR A 149 3.71 -3.55 -24.17
CA THR A 149 4.58 -3.00 -25.19
C THR A 149 6.07 -3.04 -24.79
N TYR A 150 6.35 -2.66 -23.56
CA TYR A 150 7.71 -2.69 -23.10
C TYR A 150 8.27 -4.11 -23.13
N LEU A 151 7.48 -5.08 -22.70
CA LEU A 151 7.91 -6.47 -22.70
C LEU A 151 8.09 -7.09 -24.10
N GLN A 152 7.20 -6.68 -24.99
CA GLN A 152 7.36 -7.15 -26.37
C GLN A 152 8.63 -6.60 -27.00
N GLN A 153 8.87 -5.32 -26.76
CA GLN A 153 10.02 -4.65 -27.38
C GLN A 153 11.34 -5.08 -26.77
N VAL A 154 11.37 -5.19 -25.43
CA VAL A 154 12.55 -5.65 -24.82
C VAL A 154 12.82 -7.13 -25.12
N SER A 155 11.81 -7.98 -25.12
CA SER A 155 12.04 -9.40 -25.44
C SER A 155 12.66 -9.52 -26.87
N LEU A 156 12.16 -8.77 -27.84
CA LEU A 156 12.70 -8.84 -29.19
C LEU A 156 14.09 -8.29 -29.26
N ALA A 157 14.38 -7.21 -28.58
CA ALA A 157 15.70 -6.54 -28.61
C ALA A 157 16.77 -7.26 -27.88
N TYR A 158 16.42 -7.92 -26.77
CA TYR A 158 17.41 -8.57 -25.90
C TYR A 158 17.61 -10.01 -26.32
N GLY A 159 16.51 -10.77 -26.40
CA GLY A 159 16.59 -12.11 -26.93
C GLY A 159 17.16 -13.16 -25.98
N LEU A 160 17.29 -12.85 -24.67
CA LEU A 160 17.87 -13.70 -23.66
C LEU A 160 16.91 -13.65 -22.44
N PRO A 161 17.05 -14.63 -21.56
CA PRO A 161 16.21 -14.62 -20.31
C PRO A 161 16.54 -13.34 -19.52
N PHE A 162 15.49 -12.77 -18.92
CA PHE A 162 15.60 -11.59 -18.07
C PHE A 162 14.54 -11.67 -17.01
N GLY A 163 14.55 -10.70 -16.10
CA GLY A 163 13.47 -10.57 -15.12
C GLY A 163 12.99 -9.16 -15.04
N VAL A 164 11.91 -8.98 -14.27
CA VAL A 164 11.21 -7.71 -14.16
C VAL A 164 11.02 -7.35 -12.69
N LYS A 165 11.14 -6.09 -12.39
CA LYS A 165 10.88 -5.55 -11.05
C LYS A 165 9.50 -4.90 -11.11
N MET A 166 8.57 -5.37 -10.26
CA MET A 166 7.16 -4.98 -10.25
C MET A 166 6.78 -4.10 -9.08
N PRO A 167 5.90 -3.09 -9.28
CA PRO A 167 5.35 -2.41 -8.15
C PRO A 167 4.38 -3.38 -7.42
N PRO A 168 3.99 -3.06 -6.20
CA PRO A 168 2.94 -3.78 -5.53
C PRO A 168 1.59 -3.48 -6.18
N TYR A 169 0.73 -4.45 -6.20
CA TYR A 169 -0.70 -4.32 -6.51
C TYR A 169 -1.54 -4.63 -5.30
N PHE A 170 -2.76 -4.15 -5.31
CA PHE A 170 -3.68 -4.07 -4.18
C PHE A 170 -5.07 -4.69 -4.44
N ASP A 171 -5.28 -5.11 -5.67
CA ASP A 171 -6.60 -5.55 -6.17
C ASP A 171 -6.26 -6.93 -6.86
N ILE A 172 -7.10 -7.88 -6.54
CA ILE A 172 -7.03 -9.24 -7.14
C ILE A 172 -7.12 -9.11 -8.64
N ALA A 173 -7.88 -8.16 -9.15
CA ALA A 173 -8.03 -8.05 -10.59
C ALA A 173 -6.69 -7.75 -11.21
N HIS A 174 -5.89 -6.88 -10.56
CA HIS A 174 -4.59 -6.51 -11.00
C HIS A 174 -3.58 -7.62 -10.90
N PHE A 175 -3.62 -8.40 -9.80
CA PHE A 175 -2.80 -9.61 -9.80
C PHE A 175 -3.12 -10.41 -11.01
N ASP A 176 -4.40 -10.67 -11.25
CA ASP A 176 -4.74 -11.56 -12.37
C ASP A 176 -4.27 -11.00 -13.71
N THR A 177 -4.54 -9.74 -13.97
CA THR A 177 -4.17 -9.14 -15.26
C THR A 177 -2.66 -9.06 -15.40
N ALA A 178 -1.93 -8.58 -14.38
CA ALA A 178 -0.50 -8.43 -14.47
C ALA A 178 0.18 -9.74 -14.71
N ALA A 179 -0.19 -10.79 -13.94
CA ALA A 179 0.46 -12.07 -14.17
C ALA A 179 0.15 -12.63 -15.55
N ALA A 180 -1.06 -12.43 -16.03
CA ALA A 180 -1.39 -12.88 -17.38
C ALA A 180 -0.51 -12.14 -18.40
N VAL A 181 -0.24 -10.86 -18.25
CA VAL A 181 0.67 -10.13 -19.15
C VAL A 181 2.02 -10.77 -19.08
N LEU A 182 2.60 -10.96 -17.88
CA LEU A 182 3.89 -11.54 -17.76
C LEU A 182 4.02 -12.90 -18.37
N ASN A 183 2.99 -13.69 -18.22
CA ASN A 183 2.98 -15.03 -18.77
C ASN A 183 2.94 -15.12 -20.34
N GLU A 184 2.68 -14.01 -20.97
CA GLU A 184 2.81 -13.88 -22.42
C GLU A 184 4.27 -13.93 -22.88
N PHE A 185 5.21 -13.69 -21.96
CA PHE A 185 6.60 -13.51 -22.32
C PHE A 185 7.49 -14.57 -21.74
N PRO A 186 7.80 -15.56 -22.57
CA PRO A 186 8.63 -16.64 -22.05
C PRO A 186 10.07 -16.30 -21.62
N LEU A 187 10.62 -15.24 -22.15
CA LEU A 187 11.91 -14.79 -21.72
C LEU A 187 11.95 -14.13 -20.34
N VAL A 188 10.79 -13.80 -19.79
CA VAL A 188 10.75 -13.28 -18.42
C VAL A 188 10.78 -14.50 -17.48
N LYS A 189 11.95 -14.74 -16.93
CA LYS A 189 12.21 -15.86 -16.09
C LYS A 189 12.15 -15.63 -14.59
N PHE A 190 12.21 -14.37 -14.20
CA PHE A 190 12.01 -14.01 -12.77
C PHE A 190 11.21 -12.74 -12.72
N VAL A 191 10.50 -12.62 -11.56
CA VAL A 191 9.63 -11.52 -11.25
C VAL A 191 9.96 -11.06 -9.84
N THR A 192 10.44 -9.86 -9.69
CA THR A 192 10.79 -9.30 -8.38
C THR A 192 9.65 -8.48 -7.85
N CYS A 193 9.11 -8.95 -6.73
CA CYS A 193 7.98 -8.32 -6.02
C CYS A 193 8.45 -7.98 -4.63
N VAL A 194 8.52 -6.72 -4.23
CA VAL A 194 8.00 -5.52 -4.88
C VAL A 194 8.95 -4.32 -4.76
N ASN A 195 8.70 -3.40 -5.65
CA ASN A 195 9.17 -2.01 -5.58
C ASN A 195 8.43 -1.29 -4.41
N SER A 196 8.77 -0.04 -4.23
CA SER A 196 8.13 0.70 -3.15
C SER A 196 6.63 0.83 -3.30
N VAL A 197 6.00 0.97 -2.14
CA VAL A 197 4.59 1.29 -2.12
C VAL A 197 4.49 2.81 -2.42
N GLY A 198 3.86 3.11 -3.53
CA GLY A 198 4.02 4.41 -4.14
C GLY A 198 3.33 5.55 -3.41
N ASN A 199 4.00 6.68 -3.49
CA ASN A 199 3.34 7.95 -3.10
C ASN A 199 2.67 7.93 -1.77
N GLY A 200 3.37 7.48 -0.78
CA GLY A 200 3.09 7.74 0.59
C GLY A 200 3.54 9.14 1.02
N LEU A 201 3.19 9.55 2.24
CA LEU A 201 3.55 10.87 2.72
C LEU A 201 3.86 10.78 4.18
N VAL A 202 5.12 11.06 4.54
CA VAL A 202 5.53 11.13 5.97
C VAL A 202 5.59 12.60 6.40
N ILE A 203 4.97 12.86 7.53
CA ILE A 203 4.90 14.17 8.14
C ILE A 203 5.53 14.12 9.55
N ASP A 204 6.39 15.10 9.82
CA ASP A 204 7.00 15.21 11.12
C ASP A 204 6.11 16.15 11.98
N ALA A 205 5.64 15.64 13.07
CA ALA A 205 4.75 16.37 13.93
C ALA A 205 5.36 17.65 14.54
N GLU A 206 6.64 17.60 14.93
CA GLU A 206 7.20 18.78 15.58
C GLU A 206 7.34 19.97 14.64
N SER A 207 7.87 19.72 13.46
CA SER A 207 8.04 20.74 12.48
C SER A 207 6.82 21.03 11.59
N GLU A 208 5.81 20.14 11.63
CA GLU A 208 4.59 20.27 10.83
C GLU A 208 4.89 20.27 9.33
N SER A 209 5.96 19.55 9.00
CA SER A 209 6.54 19.51 7.67
C SER A 209 6.69 18.09 7.11
N VAL A 210 6.49 17.99 5.80
CA VAL A 210 6.98 16.79 5.09
C VAL A 210 8.50 16.63 5.31
N VAL A 211 9.03 15.48 4.96
CA VAL A 211 10.43 15.18 5.31
C VAL A 211 11.30 15.03 4.08
N ILE A 212 10.75 15.00 2.88
CA ILE A 212 11.53 15.02 1.68
C ILE A 212 11.05 16.18 0.84
N LYS A 213 11.97 16.70 0.05
CA LYS A 213 11.76 17.89 -0.77
C LYS A 213 11.01 17.66 -2.07
N PRO A 214 11.33 16.65 -2.91
CA PRO A 214 10.62 16.50 -4.15
C PRO A 214 9.14 16.18 -3.89
N LYS A 215 8.29 16.45 -4.91
CA LYS A 215 6.93 15.96 -4.99
C LYS A 215 6.12 16.35 -3.78
N GLN A 216 6.40 17.55 -3.18
CA GLN A 216 5.64 18.08 -2.03
C GLN A 216 5.64 17.04 -0.87
N GLY A 217 6.70 16.23 -0.77
CA GLY A 217 6.89 15.27 0.30
C GLY A 217 6.43 13.86 -0.05
N PHE A 218 5.76 13.64 -1.16
CA PHE A 218 5.25 12.33 -1.53
C PHE A 218 6.43 11.47 -2.02
N GLY A 219 6.47 10.17 -1.67
CA GLY A 219 7.48 9.31 -2.18
C GLY A 219 7.18 7.89 -1.85
N GLY A 220 8.05 7.00 -2.39
CA GLY A 220 7.79 5.54 -2.22
C GLY A 220 8.22 5.03 -0.89
N LEU A 221 7.40 4.17 -0.31
CA LEU A 221 7.60 3.65 1.04
C LEU A 221 8.30 2.28 0.96
N GLY A 222 9.23 2.08 1.83
CA GLY A 222 9.85 0.78 2.04
C GLY A 222 9.94 0.41 3.50
N GLY A 223 10.37 -0.76 3.84
CA GLY A 223 10.55 -1.16 5.16
C GLY A 223 9.43 -1.86 5.87
N LYS A 224 9.35 -1.70 7.19
CA LYS A 224 8.37 -2.43 7.97
C LYS A 224 6.93 -2.17 7.52
N TYR A 225 6.65 -0.94 7.09
CA TYR A 225 5.34 -0.62 6.54
C TYR A 225 4.80 -1.65 5.53
N ILE A 226 5.71 -2.20 4.73
CA ILE A 226 5.32 -2.83 3.46
C ILE A 226 5.44 -4.34 3.47
N LEU A 227 5.80 -4.99 4.56
CA LEU A 227 6.06 -6.44 4.53
C LEU A 227 4.84 -7.23 4.18
N PRO A 228 3.66 -7.02 4.78
CA PRO A 228 2.50 -7.81 4.34
C PRO A 228 2.12 -7.57 2.90
N THR A 229 2.28 -6.36 2.37
CA THR A 229 2.03 -6.04 0.95
C THR A 229 3.03 -6.87 0.10
N ALA A 230 4.30 -6.84 0.52
CA ALA A 230 5.34 -7.55 -0.23
C ALA A 230 5.03 -9.05 -0.27
N LEU A 231 4.70 -9.65 0.87
CA LEU A 231 4.46 -11.08 0.96
C LEU A 231 3.27 -11.40 0.03
N ALA A 232 2.20 -10.59 0.06
CA ALA A 232 1.03 -10.84 -0.76
C ALA A 232 1.43 -10.91 -2.25
N ASN A 233 2.19 -9.95 -2.67
CA ASN A 233 2.58 -9.89 -4.10
C ASN A 233 3.48 -11.02 -4.46
N VAL A 234 4.42 -11.37 -3.59
CA VAL A 234 5.27 -12.60 -3.86
C VAL A 234 4.34 -13.78 -4.03
N ASN A 235 3.42 -14.01 -3.10
CA ASN A 235 2.57 -15.20 -3.19
C ASN A 235 1.63 -15.18 -4.34
N ALA A 236 1.10 -14.02 -4.66
CA ALA A 236 0.18 -13.90 -5.77
C ALA A 236 0.83 -14.23 -7.08
N PHE A 237 2.02 -13.73 -7.33
CA PHE A 237 2.75 -14.06 -8.57
C PHE A 237 3.32 -15.43 -8.53
N TYR A 238 3.68 -15.92 -7.38
CA TYR A 238 4.17 -17.33 -7.23
C TYR A 238 3.10 -18.31 -7.66
N ARG A 239 1.86 -18.06 -7.24
CA ARG A 239 0.70 -18.90 -7.60
C ARG A 239 0.38 -18.71 -9.08
N ARG A 240 0.43 -17.54 -9.66
CA ARG A 240 -0.04 -17.25 -11.01
C ARG A 240 1.00 -17.47 -12.11
N CYS A 241 2.28 -17.55 -11.69
CA CYS A 241 3.39 -17.70 -12.69
C CYS A 241 4.17 -18.91 -12.38
N PRO A 242 3.60 -20.12 -12.58
CA PRO A 242 4.27 -21.33 -12.17
C PRO A 242 5.52 -21.69 -12.99
N ASP A 243 5.69 -21.11 -14.12
CA ASP A 243 6.88 -21.30 -14.94
C ASP A 243 7.97 -20.29 -14.78
N LYS A 244 7.79 -19.36 -13.80
CA LYS A 244 8.75 -18.33 -13.53
C LYS A 244 9.24 -18.41 -12.10
N LEU A 245 10.39 -17.83 -11.80
CA LEU A 245 10.86 -17.61 -10.42
C LEU A 245 10.23 -16.32 -9.92
N VAL A 246 10.11 -16.25 -8.61
CA VAL A 246 9.73 -14.99 -7.92
C VAL A 246 10.81 -14.61 -6.96
N PHE A 247 11.28 -13.36 -7.00
CA PHE A 247 12.22 -12.84 -6.04
C PHE A 247 11.41 -11.95 -5.09
N GLY A 248 11.68 -12.08 -3.81
CA GLY A 248 10.94 -11.22 -2.88
C GLY A 248 11.78 -10.04 -2.48
N CYS A 249 11.10 -8.90 -2.35
CA CYS A 249 11.70 -7.64 -1.85
C CYS A 249 10.60 -6.89 -1.08
N GLY A 250 10.91 -6.42 0.10
CA GLY A 250 10.08 -5.56 0.86
C GLY A 250 9.97 -5.95 2.31
N GLY A 251 10.44 -5.04 3.17
CA GLY A 251 10.27 -5.28 4.58
C GLY A 251 11.14 -6.29 5.23
N VAL A 252 12.25 -6.65 4.56
CA VAL A 252 13.20 -7.65 5.18
C VAL A 252 14.19 -6.94 6.10
N TYR A 253 14.06 -7.23 7.41
CA TYR A 253 14.99 -6.81 8.45
C TYR A 253 15.61 -7.98 9.18
N SER A 254 15.14 -9.19 9.02
CA SER A 254 15.59 -10.30 9.87
C SER A 254 15.50 -11.55 9.04
N GLY A 255 16.11 -12.62 9.57
CA GLY A 255 15.98 -13.94 9.00
C GLY A 255 14.54 -14.44 9.02
N GLU A 256 13.77 -14.05 10.02
CA GLU A 256 12.35 -14.40 10.09
C GLU A 256 11.56 -13.81 8.94
N ASP A 257 11.85 -12.55 8.61
CA ASP A 257 11.19 -11.86 7.50
C ASP A 257 11.55 -12.56 6.17
N ALA A 258 12.83 -12.95 6.04
CA ALA A 258 13.26 -13.69 4.89
C ALA A 258 12.56 -15.05 4.78
N PHE A 259 12.50 -15.74 5.90
CA PHE A 259 11.77 -17.04 5.93
C PHE A 259 10.32 -16.86 5.47
N LEU A 260 9.61 -15.78 5.87
CA LEU A 260 8.26 -15.56 5.41
C LEU A 260 8.19 -15.33 3.92
N HIS A 261 9.10 -14.50 3.37
CA HIS A 261 9.21 -14.34 1.92
C HIS A 261 9.33 -15.66 1.18
N ILE A 262 10.24 -16.51 1.73
CA ILE A 262 10.54 -17.81 1.07
C ILE A 262 9.32 -18.72 1.20
N LEU A 263 8.64 -18.78 2.32
CA LEU A 263 7.39 -19.52 2.44
C LEU A 263 6.39 -19.04 1.45
N ALA A 264 6.30 -17.72 1.15
CA ALA A 264 5.43 -17.18 0.18
C ALA A 264 5.78 -17.49 -1.24
N GLY A 265 7.00 -17.93 -1.49
CA GLY A 265 7.43 -18.34 -2.81
C GLY A 265 8.76 -17.76 -3.27
N ALA A 266 9.39 -16.89 -2.52
CA ALA A 266 10.63 -16.22 -2.94
C ALA A 266 11.81 -17.19 -3.16
N SER A 267 12.52 -16.94 -4.26
CA SER A 267 13.81 -17.60 -4.54
C SER A 267 14.91 -16.72 -3.93
N MET A 268 15.28 -15.63 -4.59
CA MET A 268 16.11 -14.63 -3.99
C MET A 268 15.27 -13.70 -3.12
N VAL A 269 15.98 -13.09 -2.14
CA VAL A 269 15.40 -12.17 -1.18
C VAL A 269 16.27 -10.95 -1.18
N GLN A 270 15.65 -9.83 -1.56
CA GLN A 270 16.38 -8.52 -1.69
C GLN A 270 16.11 -7.67 -0.42
N VAL A 271 17.08 -6.84 -0.09
CA VAL A 271 17.03 -6.02 1.10
C VAL A 271 17.36 -4.61 0.74
N GLY A 272 16.39 -3.71 0.96
CA GLY A 272 16.51 -2.27 0.65
C GLY A 272 16.76 -1.45 1.89
N THR A 273 15.66 -0.91 2.41
CA THR A 273 15.69 -0.05 3.61
C THR A 273 16.62 -0.58 4.68
N ALA A 274 16.45 -1.83 5.07
CA ALA A 274 17.23 -2.28 6.23
C ALA A 274 18.72 -2.32 5.93
N LEU A 275 19.10 -2.53 4.66
CA LEU A 275 20.50 -2.47 4.25
C LEU A 275 21.01 -1.03 4.21
N GLN A 276 20.19 -0.10 3.71
CA GLN A 276 20.49 1.31 3.72
C GLN A 276 20.79 1.77 5.15
N GLU A 277 20.00 1.30 6.12
CA GLU A 277 20.13 1.74 7.49
C GLU A 277 21.24 1.07 8.25
N GLU A 278 21.39 -0.27 8.09
CA GLU A 278 22.34 -1.04 8.86
C GLU A 278 23.70 -1.24 8.19
N GLY A 279 23.77 -1.20 6.86
CA GLY A 279 24.97 -1.46 6.14
C GLY A 279 25.10 -2.92 5.86
N PRO A 280 26.17 -3.26 5.11
CA PRO A 280 26.35 -4.59 4.55
C PRO A 280 26.60 -5.71 5.51
N GLY A 281 26.97 -5.37 6.73
CA GLY A 281 26.98 -6.39 7.81
C GLY A 281 25.70 -7.09 8.01
N ILE A 282 24.60 -6.49 7.54
CA ILE A 282 23.28 -7.13 7.72
C ILE A 282 23.26 -8.55 7.12
N PHE A 283 24.02 -8.77 6.06
CA PHE A 283 23.94 -10.05 5.38
C PHE A 283 24.39 -11.23 6.22
N THR A 284 25.43 -11.06 7.01
CA THR A 284 25.83 -12.14 7.89
C THR A 284 24.77 -12.46 8.93
N ARG A 285 24.15 -11.42 9.44
CA ARG A 285 23.10 -11.56 10.43
C ARG A 285 21.88 -12.23 9.84
N LEU A 286 21.50 -11.87 8.63
CA LEU A 286 20.38 -12.49 7.99
C LEU A 286 20.64 -13.96 7.74
N GLU A 287 21.83 -14.27 7.28
CA GLU A 287 22.17 -15.66 7.08
C GLU A 287 22.12 -16.48 8.36
N ASP A 288 22.67 -15.96 9.42
CA ASP A 288 22.69 -16.67 10.70
C ASP A 288 21.28 -16.88 11.22
N GLU A 289 20.48 -15.83 11.16
CA GLU A 289 19.13 -15.87 11.65
C GLU A 289 18.24 -16.86 10.85
N LEU A 290 18.38 -16.87 9.56
CA LEU A 290 17.66 -17.81 8.74
C LEU A 290 18.08 -19.25 9.00
N LEU A 291 19.37 -19.47 9.10
CA LEU A 291 19.88 -20.80 9.44
C LEU A 291 19.38 -21.22 10.78
N GLU A 292 19.24 -20.33 11.76
CA GLU A 292 18.77 -20.75 13.06
C GLU A 292 17.34 -21.19 12.97
N ILE A 293 16.48 -20.48 12.23
CA ILE A 293 15.10 -20.87 12.09
C ILE A 293 15.01 -22.21 11.41
N MET A 294 15.77 -22.42 10.35
CA MET A 294 15.80 -23.70 9.65
C MET A 294 16.23 -24.83 10.60
N ALA A 295 17.24 -24.59 11.40
CA ALA A 295 17.72 -25.65 12.36
C ALA A 295 16.63 -25.96 13.37
N ARG A 296 15.88 -25.03 13.85
CA ARG A 296 14.85 -25.28 14.85
C ARG A 296 13.74 -26.10 14.25
N LYS A 297 13.46 -25.93 12.98
CA LYS A 297 12.37 -26.53 12.29
C LYS A 297 12.78 -27.85 11.58
N GLY A 298 14.06 -28.15 11.61
CA GLY A 298 14.55 -29.30 10.88
C GLY A 298 14.68 -29.19 9.38
N TYR A 299 14.69 -27.99 8.79
CA TYR A 299 14.86 -27.83 7.38
C TYR A 299 16.32 -27.73 6.98
N ARG A 300 16.71 -28.53 5.98
CA ARG A 300 18.05 -28.54 5.55
C ARG A 300 18.38 -27.67 4.34
N THR A 301 17.37 -27.37 3.52
CA THR A 301 17.51 -26.59 2.32
C THR A 301 16.31 -25.65 2.16
N LEU A 302 16.48 -24.63 1.31
CA LEU A 302 15.43 -23.69 1.06
C LEU A 302 14.24 -24.32 0.33
N GLU A 303 14.51 -25.27 -0.55
CA GLU A 303 13.45 -25.86 -1.32
C GLU A 303 12.49 -26.64 -0.46
N GLU A 304 12.93 -27.06 0.69
CA GLU A 304 12.04 -27.77 1.58
C GLU A 304 10.85 -26.93 1.98
N PHE A 305 10.97 -25.62 2.02
CA PHE A 305 9.89 -24.77 2.44
C PHE A 305 9.43 -23.66 1.49
N ARG A 306 10.15 -23.49 0.39
CA ARG A 306 9.81 -22.41 -0.53
C ARG A 306 8.41 -22.65 -1.08
N GLY A 307 7.57 -21.64 -0.96
CA GLY A 307 6.23 -21.68 -1.48
C GLY A 307 5.24 -22.56 -0.68
N ARG A 308 5.68 -23.01 0.48
CA ARG A 308 4.93 -23.98 1.27
C ARG A 308 4.12 -23.31 2.38
N VAL A 309 3.89 -21.99 2.30
CA VAL A 309 2.92 -21.34 3.20
C VAL A 309 1.59 -22.16 3.18
N LYS A 310 1.09 -22.35 4.41
CA LYS A 310 -0.17 -23.09 4.62
C LYS A 310 -1.31 -22.14 4.59
N THR A 311 -2.41 -22.52 4.01
CA THR A 311 -3.69 -21.85 4.16
C THR A 311 -4.59 -22.58 5.13
N ILE A 312 -5.64 -21.92 5.58
CA ILE A 312 -6.55 -22.48 6.60
C ILE A 312 -7.74 -23.07 5.91
N GLU A 313 -7.88 -24.38 6.16
CA GLU A 313 -9.01 -25.21 5.72
C GLU A 313 -9.16 -25.07 4.23
N MET B 1 -8.53 24.05 24.20
CA MET B 1 -9.60 24.17 25.26
C MET B 1 -10.79 23.23 25.00
N CYS B 2 -11.55 23.43 23.91
CA CYS B 2 -12.44 22.33 23.45
C CYS B 2 -12.30 22.17 21.95
N LEU B 3 -12.58 20.91 21.48
CA LEU B 3 -12.26 20.41 20.09
C LEU B 3 -13.51 20.44 19.20
N LYS B 4 -14.60 21.11 19.64
CA LYS B 4 -15.88 21.11 18.94
C LYS B 4 -15.75 21.81 17.60
N LEU B 5 -16.48 21.27 16.63
CA LEU B 5 -16.51 21.77 15.28
C LEU B 5 -17.83 21.59 14.59
N ASN B 6 -18.08 22.31 13.47
CA ASN B 6 -19.25 22.27 12.68
C ASN B 6 -18.94 21.93 11.34
N LEU B 7 -19.57 20.89 10.76
CA LEU B 7 -19.39 20.45 9.39
C LEU B 7 -20.69 19.90 8.86
N LEU B 8 -20.98 20.05 7.60
CA LEU B 8 -22.11 19.41 6.96
C LEU B 8 -23.48 19.80 7.69
N ASP B 9 -23.53 20.98 8.20
CA ASP B 9 -24.73 21.43 8.92
C ASP B 9 -25.01 20.68 10.20
N HIS B 10 -23.97 20.13 10.79
CA HIS B 10 -24.04 19.46 12.01
C HIS B 10 -22.94 19.95 12.98
N VAL B 11 -23.12 19.82 14.26
CA VAL B 11 -22.14 20.19 15.25
C VAL B 11 -21.57 18.88 15.74
N PHE B 12 -20.23 18.86 15.98
CA PHE B 12 -19.52 17.70 16.48
C PHE B 12 -18.69 18.12 17.76
N ALA B 13 -18.68 17.31 18.80
CA ALA B 13 -17.98 17.65 20.07
C ALA B 13 -16.46 17.63 19.83
N ASN B 14 -16.00 16.87 18.81
CA ASN B 14 -14.59 16.63 18.53
C ASN B 14 -14.58 15.97 17.14
N PRO B 15 -13.39 15.85 16.52
CA PRO B 15 -13.33 15.31 15.19
C PRO B 15 -13.25 13.77 15.12
N PHE B 16 -13.32 13.09 16.22
CA PHE B 16 -13.11 11.63 16.24
C PHE B 16 -14.37 10.83 15.99
N MET B 17 -14.24 9.74 15.25
CA MET B 17 -15.31 8.77 15.14
C MET B 17 -14.74 7.41 14.86
N ASN B 18 -15.56 6.37 14.96
CA ASN B 18 -15.11 5.06 14.51
C ASN B 18 -14.99 5.10 12.98
N ALA B 19 -14.14 4.19 12.48
CA ALA B 19 -14.11 3.80 11.09
C ALA B 19 -15.21 2.79 10.77
N ALA B 20 -15.86 2.92 9.62
CA ALA B 20 -16.91 1.97 9.29
C ALA B 20 -16.43 0.57 9.43
N GLY B 21 -17.29 -0.29 9.95
CA GLY B 21 -16.97 -1.70 10.20
C GLY B 21 -16.51 -2.03 11.58
N VAL B 22 -15.95 -1.05 12.31
CA VAL B 22 -15.45 -1.27 13.67
C VAL B 22 -16.43 -0.80 14.72
N LEU B 23 -16.81 -1.67 15.61
CA LEU B 23 -17.75 -1.38 16.72
C LEU B 23 -19.03 -0.75 16.26
N CYS B 24 -19.68 -1.35 15.26
CA CYS B 24 -20.81 -0.69 14.64
C CYS B 24 -21.73 -1.59 13.89
N SER B 25 -21.74 -2.86 14.18
CA SER B 25 -22.50 -3.82 13.46
C SER B 25 -23.90 -4.06 14.00
N THR B 26 -24.00 -4.17 15.32
CA THR B 26 -25.20 -4.49 16.04
C THR B 26 -25.76 -3.29 16.74
N GLU B 27 -27.00 -3.40 17.25
CA GLU B 27 -27.57 -2.35 18.06
C GLU B 27 -26.67 -2.06 19.28
N GLU B 28 -26.22 -3.13 19.89
CA GLU B 28 -25.31 -3.03 21.07
C GLU B 28 -24.08 -2.18 20.69
N ASP B 29 -23.48 -2.48 19.53
CA ASP B 29 -22.30 -1.79 19.11
C ASP B 29 -22.55 -0.29 18.92
N LEU B 30 -23.69 0.01 18.26
CA LEU B 30 -24.04 1.40 17.98
C LEU B 30 -24.36 2.19 19.24
N ARG B 31 -25.02 1.53 20.20
CA ARG B 31 -25.27 2.13 21.47
C ARG B 31 -23.96 2.39 22.24
N CYS B 32 -22.98 1.47 22.13
CA CYS B 32 -21.70 1.67 22.74
C CYS B 32 -20.95 2.82 22.10
N MET B 33 -20.91 2.88 20.78
CA MET B 33 -20.28 4.03 20.17
C MET B 33 -20.97 5.36 20.55
N THR B 34 -22.30 5.30 20.65
CA THR B 34 -23.05 6.53 21.01
C THR B 34 -22.67 6.92 22.43
N ALA B 35 -22.52 6.02 23.35
CA ALA B 35 -22.12 6.30 24.72
C ALA B 35 -20.68 6.79 24.92
N SER B 36 -19.82 6.50 23.93
CA SER B 36 -18.44 6.90 23.97
C SER B 36 -18.28 8.40 23.87
N SER B 37 -17.04 8.83 24.04
CA SER B 37 -16.66 10.23 23.90
C SER B 37 -16.48 10.63 22.45
N SER B 38 -16.69 9.75 21.48
CA SER B 38 -16.45 10.15 20.06
C SER B 38 -17.34 11.31 19.67
N GLY B 39 -16.92 12.07 18.67
CA GLY B 39 -17.70 13.14 18.13
C GLY B 39 -18.81 12.69 17.28
N ALA B 40 -18.70 11.47 16.65
CA ALA B 40 -19.70 10.91 15.73
C ALA B 40 -19.54 9.43 15.71
N LEU B 41 -20.43 8.78 14.98
CA LEU B 41 -20.31 7.38 14.74
C LEU B 41 -20.78 7.09 13.36
N VAL B 42 -20.33 5.99 12.79
CA VAL B 42 -20.77 5.48 11.48
C VAL B 42 -21.12 4.01 11.64
N SER B 43 -22.15 3.58 10.94
CA SER B 43 -22.55 2.17 10.97
C SER B 43 -21.72 1.28 10.08
N LYS B 44 -21.78 -0.04 10.31
CA LYS B 44 -21.16 -1.01 9.46
C LYS B 44 -21.71 -0.86 8.04
N SER B 45 -20.88 -1.00 6.99
CA SER B 45 -21.43 -0.99 5.60
C SER B 45 -22.45 -2.05 5.43
N CYS B 46 -23.60 -1.65 4.84
CA CYS B 46 -24.72 -2.58 4.68
C CYS B 46 -25.08 -2.88 3.25
N THR B 47 -25.72 -4.05 3.12
CA THR B 47 -26.29 -4.55 1.89
C THR B 47 -27.84 -4.53 2.07
N SER B 48 -28.59 -4.74 0.98
CA SER B 48 -30.04 -4.79 1.11
C SER B 48 -30.55 -5.90 2.02
N ALA B 49 -29.92 -7.06 1.89
CA ALA B 49 -30.21 -8.15 2.77
C ALA B 49 -29.09 -8.43 3.77
N PRO B 50 -29.37 -9.10 4.87
CA PRO B 50 -28.35 -9.46 5.84
C PRO B 50 -27.30 -10.38 5.23
N ARG B 51 -26.06 -10.29 5.71
CA ARG B 51 -25.00 -11.20 5.31
C ARG B 51 -24.25 -11.77 6.52
N ASP B 52 -23.94 -13.05 6.45
CA ASP B 52 -23.12 -13.68 7.43
C ASP B 52 -21.62 -13.30 7.34
N GLY B 53 -21.18 -12.93 6.14
CA GLY B 53 -19.77 -12.73 5.88
C GLY B 53 -18.99 -14.06 5.73
N ASN B 54 -17.69 -13.93 5.81
CA ASN B 54 -16.78 -15.01 5.55
C ASN B 54 -16.53 -15.86 6.76
N PRO B 55 -16.00 -17.05 6.55
CA PRO B 55 -15.66 -17.88 7.69
C PRO B 55 -14.56 -17.32 8.54
N GLU B 56 -14.56 -17.68 9.79
CA GLU B 56 -13.56 -17.29 10.77
C GLU B 56 -12.41 -18.23 10.82
N PRO B 57 -11.21 -17.78 11.17
CA PRO B 57 -10.84 -16.42 11.53
C PRO B 57 -10.76 -15.49 10.34
N ARG B 58 -11.31 -14.29 10.48
CA ARG B 58 -11.43 -13.32 9.37
C ARG B 58 -10.83 -11.92 9.73
N TYR B 59 -10.42 -11.73 10.96
CA TYR B 59 -9.74 -10.53 11.43
C TYR B 59 -8.62 -10.95 12.34
N MET B 60 -7.42 -10.39 12.22
CA MET B 60 -6.36 -10.56 13.16
C MET B 60 -5.57 -9.34 13.32
N ALA B 61 -5.08 -9.04 14.48
CA ALA B 61 -4.27 -7.87 14.79
C ALA B 61 -2.97 -8.22 15.46
N PHE B 62 -2.03 -7.34 15.22
CA PHE B 62 -0.62 -7.46 15.50
C PHE B 62 -0.07 -6.13 15.92
N PRO B 63 1.20 -6.04 16.42
CA PRO B 63 1.67 -4.79 16.94
C PRO B 63 1.63 -3.68 15.90
N LEU B 64 1.84 -4.00 14.62
CA LEU B 64 1.86 -3.01 13.55
C LEU B 64 0.51 -2.79 12.83
N GLY B 65 -0.48 -3.59 13.13
CA GLY B 65 -1.78 -3.32 12.52
C GLY B 65 -2.64 -4.56 12.40
N SER B 66 -3.53 -4.58 11.47
CA SER B 66 -4.48 -5.64 11.34
C SER B 66 -4.66 -6.04 9.92
N ILE B 67 -5.24 -7.23 9.74
CA ILE B 67 -5.62 -7.77 8.43
C ILE B 67 -7.09 -8.27 8.55
N ASN B 68 -7.90 -8.04 7.53
CA ASN B 68 -9.31 -8.49 7.57
C ASN B 68 -9.77 -8.83 6.21
N SER B 69 -10.55 -9.91 6.23
CA SER B 69 -11.41 -10.26 5.12
C SER B 69 -12.79 -10.64 5.66
N MET B 70 -13.46 -9.65 6.20
CA MET B 70 -14.71 -9.91 6.88
C MET B 70 -15.82 -10.49 5.97
N GLY B 71 -15.86 -9.96 4.78
CA GLY B 71 -16.90 -10.31 3.85
C GLY B 71 -18.23 -9.62 3.91
N LEU B 72 -18.23 -8.39 4.38
CA LEU B 72 -19.43 -7.58 4.55
C LEU B 72 -20.50 -8.20 5.42
N PRO B 73 -20.14 -8.76 6.55
CA PRO B 73 -21.18 -9.25 7.44
C PRO B 73 -21.96 -8.05 7.95
N ASN B 74 -23.28 -8.09 7.90
CA ASN B 74 -24.10 -7.00 8.39
C ASN B 74 -25.53 -7.46 8.59
N LEU B 75 -26.31 -6.67 9.33
CA LEU B 75 -27.67 -7.03 9.69
C LEU B 75 -28.69 -6.66 8.62
N GLY B 76 -28.23 -6.03 7.58
CA GLY B 76 -29.08 -5.57 6.52
C GLY B 76 -29.51 -4.12 6.62
N PHE B 77 -29.82 -3.54 5.47
CA PHE B 77 -30.16 -2.13 5.41
C PHE B 77 -31.39 -1.75 6.28
N ASP B 78 -32.38 -2.63 6.32
CA ASP B 78 -33.59 -2.30 7.06
C ASP B 78 -33.25 -2.05 8.54
N PHE B 79 -32.34 -2.82 9.09
CA PHE B 79 -31.92 -2.61 10.47
C PHE B 79 -31.23 -1.27 10.71
N TYR B 80 -30.29 -0.93 9.84
CA TYR B 80 -29.55 0.29 9.99
C TYR B 80 -30.44 1.50 9.75
N LEU B 81 -31.34 1.37 8.81
CA LEU B 81 -32.34 2.41 8.59
C LEU B 81 -33.26 2.60 9.79
N LYS B 82 -33.68 1.50 10.37
CA LYS B 82 -34.48 1.60 11.59
C LYS B 82 -33.72 2.20 12.76
N TYR B 83 -32.44 1.83 12.88
CA TYR B 83 -31.61 2.49 13.89
C TYR B 83 -31.53 4.00 13.67
N ALA B 84 -31.28 4.41 12.44
CA ALA B 84 -31.22 5.83 12.14
C ALA B 84 -32.56 6.56 12.38
N SER B 85 -33.62 5.89 12.00
CA SER B 85 -34.95 6.51 12.07
C SER B 85 -35.60 6.48 13.46
N ASP B 86 -35.42 5.42 14.22
CA ASP B 86 -36.12 5.23 15.50
C ASP B 86 -35.25 5.11 16.75
N LEU B 87 -34.00 4.68 16.64
CA LEU B 87 -33.23 4.33 17.82
C LEU B 87 -32.14 5.32 18.18
N HIS B 88 -31.50 5.90 17.20
CA HIS B 88 -30.36 6.76 17.48
C HIS B 88 -30.78 8.03 18.20
N ASP B 89 -30.02 8.39 19.23
CA ASP B 89 -30.28 9.65 19.91
C ASP B 89 -29.38 10.78 19.33
N TYR B 90 -29.95 11.52 18.39
CA TYR B 90 -29.26 12.60 17.73
C TYR B 90 -28.78 13.76 18.67
N SER B 91 -29.31 13.79 19.88
CA SER B 91 -28.85 14.82 20.85
C SER B 91 -27.47 14.47 21.34
N LYS B 92 -27.07 13.21 21.19
CA LYS B 92 -25.79 12.78 21.66
C LYS B 92 -24.64 13.04 20.67
N LYS B 93 -24.86 12.76 19.38
CA LYS B 93 -23.86 13.00 18.32
C LYS B 93 -24.42 12.67 16.98
N PRO B 94 -23.83 13.16 15.90
CA PRO B 94 -24.30 12.76 14.60
C PRO B 94 -24.04 11.31 14.21
N LEU B 95 -24.86 10.77 13.31
CA LEU B 95 -24.78 9.43 12.80
C LEU B 95 -24.56 9.48 11.32
N PHE B 96 -23.57 8.69 10.83
CA PHE B 96 -23.41 8.38 9.46
C PHE B 96 -23.80 6.95 9.22
N LEU B 97 -24.50 6.65 8.12
CA LEU B 97 -24.81 5.33 7.72
C LEU B 97 -23.93 5.01 6.52
N SER B 98 -23.22 3.87 6.56
CA SER B 98 -22.40 3.38 5.45
C SER B 98 -23.19 2.37 4.63
N ILE B 99 -23.22 2.60 3.31
CA ILE B 99 -23.89 1.74 2.40
C ILE B 99 -22.88 1.12 1.42
N SER B 100 -22.92 -0.19 1.15
CA SER B 100 -22.03 -0.87 0.25
C SER B 100 -22.78 -1.93 -0.52
N GLY B 101 -23.71 -1.51 -1.35
CA GLY B 101 -24.40 -2.51 -2.24
C GLY B 101 -23.44 -3.11 -3.21
N LEU B 102 -23.79 -4.31 -3.72
CA LEU B 102 -22.94 -5.07 -4.64
C LEU B 102 -23.20 -4.69 -6.14
N SER B 103 -24.08 -3.71 -6.37
CA SER B 103 -24.35 -3.18 -7.71
C SER B 103 -24.81 -1.80 -7.56
N VAL B 104 -24.82 -1.04 -8.65
CA VAL B 104 -25.35 0.24 -8.64
C VAL B 104 -26.83 0.27 -8.24
N GLU B 105 -27.56 -0.69 -8.82
CA GLU B 105 -29.00 -0.74 -8.56
C GLU B 105 -29.34 -0.95 -7.09
N GLU B 106 -28.53 -1.79 -6.43
CA GLU B 106 -28.76 -2.00 -5.01
C GLU B 106 -28.47 -0.72 -4.18
N ASN B 107 -27.39 -0.02 -4.53
CA ASN B 107 -27.10 1.27 -3.88
C ASN B 107 -28.22 2.25 -4.09
N VAL B 108 -28.71 2.34 -5.36
CA VAL B 108 -29.83 3.26 -5.64
C VAL B 108 -31.10 2.95 -4.82
N ALA B 109 -31.36 1.67 -4.70
CA ALA B 109 -32.54 1.28 -3.95
C ALA B 109 -32.44 1.68 -2.47
N MET B 110 -31.28 1.52 -1.87
CA MET B 110 -31.08 1.92 -0.48
C MET B 110 -31.12 3.44 -0.26
N VAL B 111 -30.42 4.19 -1.12
CA VAL B 111 -30.37 5.63 -0.95
C VAL B 111 -31.75 6.34 -1.10
N ARG B 112 -32.57 5.79 -1.96
CA ARG B 112 -33.92 6.35 -2.17
C ARG B 112 -34.73 6.28 -0.85
N ARG B 113 -34.57 5.17 -0.17
CA ARG B 113 -35.15 4.95 1.16
C ARG B 113 -34.53 5.77 2.28
N LEU B 114 -33.22 5.96 2.21
CA LEU B 114 -32.53 6.76 3.18
C LEU B 114 -32.89 8.24 3.12
N ALA B 115 -33.14 8.75 1.92
CA ALA B 115 -33.23 10.18 1.73
C ALA B 115 -34.27 10.89 2.65
N PRO B 116 -35.50 10.38 2.76
CA PRO B 116 -36.39 11.03 3.72
C PRO B 116 -36.00 11.01 5.15
N VAL B 117 -35.32 9.95 5.56
CA VAL B 117 -34.73 9.89 6.90
C VAL B 117 -33.57 10.86 7.17
N ALA B 118 -32.70 11.01 6.14
CA ALA B 118 -31.75 12.07 6.12
C ALA B 118 -32.38 13.42 6.27
N GLN B 119 -33.44 13.70 5.47
CA GLN B 119 -34.09 15.03 5.62
C GLN B 119 -34.73 15.23 6.97
N GLU B 120 -35.38 14.21 7.51
CA GLU B 120 -36.11 14.38 8.77
C GLU B 120 -35.20 14.37 10.01
N LYS B 121 -34.27 13.40 10.05
CA LYS B 121 -33.45 13.15 11.22
C LYS B 121 -32.00 13.68 11.09
N GLY B 122 -31.50 13.90 9.92
CA GLY B 122 -30.15 14.44 9.65
C GLY B 122 -29.06 13.31 9.58
N VAL B 123 -29.42 12.03 9.59
CA VAL B 123 -28.41 10.96 9.29
C VAL B 123 -27.67 11.30 8.04
N LEU B 124 -26.35 11.04 7.99
CA LEU B 124 -25.51 11.32 6.86
C LEU B 124 -25.09 10.07 6.15
N LEU B 125 -24.96 10.09 4.88
CA LEU B 125 -24.59 8.95 4.07
C LEU B 125 -23.06 8.94 3.76
N GLU B 126 -22.42 7.80 4.06
CA GLU B 126 -21.10 7.45 3.55
C GLU B 126 -21.22 6.32 2.62
N LEU B 127 -21.00 6.51 1.30
CA LEU B 127 -21.06 5.49 0.31
C LEU B 127 -19.73 4.78 0.16
N ASN B 128 -19.71 3.51 0.41
CA ASN B 128 -18.48 2.69 0.37
C ASN B 128 -18.31 2.15 -1.05
N LEU B 129 -17.25 2.59 -1.76
CA LEU B 129 -16.97 1.95 -3.05
C LEU B 129 -16.24 0.57 -3.04
N SER B 130 -15.75 0.10 -1.94
CA SER B 130 -15.12 -1.21 -1.92
C SER B 130 -16.09 -2.34 -1.88
N CYS B 131 -15.77 -3.51 -2.36
CA CYS B 131 -16.68 -4.61 -2.47
C CYS B 131 -15.92 -5.95 -2.63
N PRO B 132 -16.66 -7.05 -2.54
CA PRO B 132 -16.03 -8.32 -2.81
C PRO B 132 -15.47 -8.43 -4.26
N ASN B 133 -14.39 -9.19 -4.42
CA ASN B 133 -13.82 -9.37 -5.73
C ASN B 133 -14.83 -10.07 -6.64
N VAL B 134 -14.89 -9.53 -7.84
CA VAL B 134 -15.58 -10.19 -8.99
C VAL B 134 -14.51 -10.48 -10.05
N PRO B 135 -14.20 -11.78 -10.31
CA PRO B 135 -13.15 -12.11 -11.31
C PRO B 135 -13.41 -11.42 -12.65
N GLY B 136 -12.38 -10.86 -13.22
CA GLY B 136 -12.45 -10.19 -14.46
C GLY B 136 -12.65 -8.70 -14.39
N LYS B 137 -12.95 -8.14 -13.22
CA LYS B 137 -13.04 -6.65 -13.18
C LYS B 137 -12.49 -6.12 -11.85
N PRO B 138 -12.04 -4.84 -11.88
CA PRO B 138 -11.45 -4.26 -10.67
C PRO B 138 -12.44 -3.74 -9.66
N GLN B 139 -12.01 -3.54 -8.43
CA GLN B 139 -12.78 -2.74 -7.51
C GLN B 139 -13.25 -1.40 -8.15
N VAL B 140 -14.49 -1.05 -7.77
CA VAL B 140 -15.19 0.09 -8.39
C VAL B 140 -14.38 1.35 -8.36
N ALA B 141 -13.71 1.68 -7.23
CA ALA B 141 -12.90 2.97 -7.25
C ALA B 141 -11.65 2.88 -8.06
N TYR B 142 -11.24 1.65 -8.48
CA TYR B 142 -10.17 1.44 -9.40
C TYR B 142 -10.55 1.23 -10.86
N ASP B 143 -11.84 1.48 -11.12
CA ASP B 143 -12.42 1.43 -12.48
C ASP B 143 -13.18 2.75 -12.60
N PHE B 144 -12.54 3.73 -13.15
CA PHE B 144 -13.02 5.11 -13.09
C PHE B 144 -14.40 5.32 -13.76
N GLU B 145 -14.62 4.58 -14.83
CA GLU B 145 -15.96 4.65 -15.44
C GLU B 145 -17.03 4.05 -14.57
N ALA B 146 -16.74 2.96 -13.88
CA ALA B 146 -17.68 2.40 -12.96
C ALA B 146 -17.89 3.36 -11.82
N MET B 147 -16.79 3.92 -11.25
CA MET B 147 -17.00 4.92 -10.21
C MET B 147 -17.94 6.05 -10.62
N ARG B 148 -17.69 6.63 -11.79
CA ARG B 148 -18.52 7.74 -12.31
C ARG B 148 -19.99 7.31 -12.38
N THR B 149 -20.25 6.11 -12.85
CA THR B 149 -21.68 5.57 -12.91
C THR B 149 -22.27 5.47 -11.54
N TYR B 150 -21.55 4.89 -10.58
CA TYR B 150 -22.06 4.81 -9.24
C TYR B 150 -22.44 6.15 -8.75
N LEU B 151 -21.53 7.13 -8.86
CA LEU B 151 -21.79 8.47 -8.28
C LEU B 151 -22.90 9.25 -8.95
N GLN B 152 -22.99 9.06 -10.28
CA GLN B 152 -24.05 9.70 -11.03
C GLN B 152 -25.42 9.14 -10.57
N GLN B 153 -25.49 7.84 -10.53
CA GLN B 153 -26.77 7.21 -10.16
C GLN B 153 -27.18 7.48 -8.69
N VAL B 154 -26.20 7.43 -7.78
CA VAL B 154 -26.51 7.71 -6.38
C VAL B 154 -26.87 9.15 -6.20
N SER B 155 -26.13 10.07 -6.83
CA SER B 155 -26.43 11.49 -6.75
C SER B 155 -27.89 11.71 -7.18
N LEU B 156 -28.27 11.10 -8.31
CA LEU B 156 -29.68 11.30 -8.84
C LEU B 156 -30.71 10.75 -7.86
N ALA B 157 -30.46 9.58 -7.35
CA ALA B 157 -31.42 8.84 -6.49
C ALA B 157 -31.55 9.47 -5.14
N TYR B 158 -30.41 9.98 -4.57
CA TYR B 158 -30.41 10.48 -3.25
C TYR B 158 -30.76 11.95 -3.18
N GLY B 159 -30.09 12.76 -4.02
CA GLY B 159 -30.45 14.16 -4.10
C GLY B 159 -30.02 15.07 -3.00
N LEU B 160 -29.21 14.59 -2.04
CA LEU B 160 -28.81 15.35 -0.89
C LEU B 160 -27.24 15.18 -0.73
N PRO B 161 -26.59 16.03 0.02
CA PRO B 161 -25.12 15.95 0.28
C PRO B 161 -24.79 14.57 0.92
N PHE B 162 -23.70 13.94 0.41
CA PHE B 162 -23.25 12.68 0.89
C PHE B 162 -21.73 12.63 0.78
N GLY B 163 -21.17 11.56 1.28
CA GLY B 163 -19.72 11.30 1.16
C GLY B 163 -19.43 9.95 0.61
N VAL B 164 -18.17 9.77 0.27
CA VAL B 164 -17.66 8.58 -0.38
C VAL B 164 -16.42 8.04 0.35
N LYS B 165 -16.44 6.77 0.70
CA LYS B 165 -15.28 6.07 1.27
C LYS B 165 -14.45 5.45 0.15
N MET B 166 -13.17 5.90 0.09
CA MET B 166 -12.21 5.55 -0.98
C MET B 166 -11.15 4.60 -0.55
N PRO B 167 -10.79 3.66 -1.38
CA PRO B 167 -9.52 2.95 -1.17
C PRO B 167 -8.37 3.82 -1.48
N PRO B 168 -7.15 3.44 -0.97
CA PRO B 168 -5.96 4.23 -1.29
C PRO B 168 -5.54 4.11 -2.76
N TYR B 169 -5.00 5.20 -3.25
CA TYR B 169 -4.24 5.21 -4.50
C TYR B 169 -2.76 5.41 -4.25
N PHE B 170 -1.95 5.04 -5.22
CA PHE B 170 -0.49 4.93 -5.13
C PHE B 170 0.25 5.57 -6.26
N ASP B 171 -0.43 6.39 -7.04
CA ASP B 171 0.11 6.90 -8.32
C ASP B 171 -0.53 8.26 -8.51
N ILE B 172 0.30 9.23 -8.85
CA ILE B 172 -0.19 10.63 -8.91
C ILE B 172 -1.18 10.81 -10.04
N ALA B 173 -0.99 10.11 -11.14
CA ALA B 173 -2.00 10.17 -12.20
C ALA B 173 -3.36 9.67 -11.75
N HIS B 174 -3.34 8.63 -10.93
CA HIS B 174 -4.57 8.12 -10.36
C HIS B 174 -5.25 9.13 -9.41
N PHE B 175 -4.47 9.83 -8.63
CA PHE B 175 -5.04 10.85 -7.78
C PHE B 175 -5.73 11.91 -8.66
N ASP B 176 -5.08 12.29 -9.73
CA ASP B 176 -5.64 13.31 -10.61
C ASP B 176 -6.97 12.82 -11.24
N THR B 177 -6.98 11.59 -11.74
CA THR B 177 -8.17 11.06 -12.35
C THR B 177 -9.30 10.86 -11.35
N ALA B 178 -8.98 10.29 -10.20
CA ALA B 178 -10.00 10.04 -9.17
C ALA B 178 -10.62 11.31 -8.72
N ALA B 179 -9.79 12.33 -8.43
CA ALA B 179 -10.28 13.60 -7.93
C ALA B 179 -11.13 14.27 -8.98
N ALA B 180 -10.72 14.21 -10.25
CA ALA B 180 -11.57 14.82 -11.31
C ALA B 180 -12.89 14.10 -11.39
N VAL B 181 -12.98 12.80 -11.20
CA VAL B 181 -14.29 12.15 -11.13
C VAL B 181 -15.15 12.67 -9.96
N LEU B 182 -14.58 12.74 -8.77
CA LEU B 182 -15.31 13.16 -7.64
C LEU B 182 -15.82 14.60 -7.77
N ASN B 183 -15.00 15.45 -8.33
CA ASN B 183 -15.32 16.84 -8.55
C ASN B 183 -16.44 17.07 -9.61
N GLU B 184 -16.82 16.07 -10.36
CA GLU B 184 -17.97 16.15 -11.26
C GLU B 184 -19.27 16.15 -10.46
N PHE B 185 -19.18 15.74 -9.21
CA PHE B 185 -20.37 15.58 -8.34
C PHE B 185 -20.44 16.51 -7.14
N PRO B 186 -21.29 17.58 -7.39
CA PRO B 186 -21.37 18.56 -6.32
C PRO B 186 -22.03 18.06 -5.03
N LEU B 187 -22.82 17.02 -5.13
CA LEU B 187 -23.43 16.44 -3.90
C LEU B 187 -22.45 15.65 -3.03
N VAL B 188 -21.30 15.29 -3.63
CA VAL B 188 -20.24 14.64 -2.85
C VAL B 188 -19.56 15.68 -2.06
N LYS B 189 -19.89 15.81 -0.80
CA LYS B 189 -19.47 16.86 0.03
C LYS B 189 -18.26 16.43 0.97
N PHE B 190 -18.07 15.15 1.12
CA PHE B 190 -16.87 14.64 1.82
C PHE B 190 -16.38 13.37 1.16
N VAL B 191 -15.07 13.22 1.32
CA VAL B 191 -14.33 12.09 0.81
C VAL B 191 -13.61 11.47 2.02
N THR B 192 -13.75 10.18 2.26
CA THR B 192 -13.05 9.56 3.41
C THR B 192 -11.92 8.74 2.83
N CYS B 193 -10.71 9.13 3.24
CA CYS B 193 -9.44 8.52 2.76
C CYS B 193 -8.74 7.98 4.01
N VAL B 194 -8.54 6.70 4.21
CA VAL B 194 -8.74 5.62 3.28
C VAL B 194 -9.37 4.37 3.93
N ASN B 195 -9.88 3.55 3.05
CA ASN B 195 -10.20 2.17 3.35
C ASN B 195 -8.87 1.37 3.51
N SER B 196 -9.02 0.12 3.84
CA SER B 196 -7.85 -0.68 4.06
C SER B 196 -6.97 -0.83 2.82
N VAL B 197 -5.69 -1.01 3.06
CA VAL B 197 -4.76 -1.22 1.94
C VAL B 197 -4.97 -2.68 1.49
N GLY B 198 -5.42 -2.83 0.26
CA GLY B 198 -6.01 -4.07 -0.19
C GLY B 198 -5.00 -5.17 -0.32
N ASN B 199 -5.50 -6.33 0.04
CA ASN B 199 -4.87 -7.59 -0.28
C ASN B 199 -3.39 -7.71 0.11
N GLY B 200 -3.15 -7.41 1.37
CA GLY B 200 -1.95 -7.82 2.01
C GLY B 200 -2.02 -9.29 2.46
N LEU B 201 -0.91 -9.79 2.98
CA LEU B 201 -0.79 -11.18 3.45
C LEU B 201 0.11 -11.26 4.62
N VAL B 202 -0.51 -11.66 5.78
CA VAL B 202 0.24 -11.88 7.00
C VAL B 202 0.51 -13.39 7.15
N ILE B 203 1.75 -13.74 7.44
CA ILE B 203 2.19 -15.15 7.64
C ILE B 203 2.80 -15.25 9.03
N ASP B 204 2.42 -16.32 9.72
CA ASP B 204 2.97 -16.64 11.02
C ASP B 204 4.21 -17.57 10.84
N ALA B 205 5.34 -17.12 11.28
CA ALA B 205 6.53 -17.93 11.11
C ALA B 205 6.50 -19.29 11.83
N GLU B 206 5.98 -19.34 13.05
CA GLU B 206 5.99 -20.63 13.77
C GLU B 206 5.13 -21.71 13.11
N SER B 207 3.91 -21.33 12.75
CA SER B 207 3.00 -22.26 12.14
C SER B 207 3.16 -22.42 10.62
N GLU B 208 3.90 -21.48 10.04
CA GLU B 208 4.12 -21.42 8.59
C GLU B 208 2.81 -21.26 7.84
N SER B 209 1.86 -20.59 8.47
CA SER B 209 0.52 -20.48 7.97
C SER B 209 0.12 -19.04 7.87
N VAL B 210 -0.76 -18.79 6.90
CA VAL B 210 -1.52 -17.56 6.93
C VAL B 210 -2.40 -17.48 8.19
N VAL B 211 -2.89 -16.27 8.53
CA VAL B 211 -3.61 -16.03 9.79
C VAL B 211 -5.07 -15.81 9.67
N ILE B 212 -5.58 -15.62 8.49
CA ILE B 212 -7.04 -15.53 8.26
C ILE B 212 -7.42 -16.60 7.22
N LYS B 213 -8.67 -17.09 7.37
CA LYS B 213 -9.17 -18.21 6.58
C LYS B 213 -9.63 -17.88 5.21
N PRO B 214 -10.40 -16.78 4.99
CA PRO B 214 -10.84 -16.49 3.64
C PRO B 214 -9.70 -16.07 2.73
N LYS B 215 -9.95 -16.18 1.43
CA LYS B 215 -9.03 -15.61 0.41
C LYS B 215 -7.62 -16.08 0.52
N GLN B 216 -7.39 -17.33 0.95
CA GLN B 216 -6.09 -17.91 1.09
C GLN B 216 -5.11 -17.02 1.94
N GLY B 217 -5.71 -16.31 2.91
CA GLY B 217 -5.00 -15.49 3.87
C GLY B 217 -4.87 -14.02 3.50
N PHE B 218 -5.28 -13.66 2.31
CA PHE B 218 -5.15 -12.26 1.79
C PHE B 218 -6.27 -11.44 2.46
N GLY B 219 -5.99 -10.18 2.81
CA GLY B 219 -6.99 -9.31 3.35
C GLY B 219 -6.51 -7.89 3.45
N GLY B 220 -7.44 -6.97 3.79
CA GLY B 220 -7.07 -5.56 3.81
C GLY B 220 -6.30 -5.28 5.07
N LEU B 221 -5.32 -4.36 4.94
CA LEU B 221 -4.43 -3.92 6.03
C LEU B 221 -4.94 -2.59 6.60
N GLY B 222 -4.89 -2.56 7.91
CA GLY B 222 -5.06 -1.35 8.70
C GLY B 222 -3.98 -1.17 9.71
N GLY B 223 -4.03 -0.01 10.36
CA GLY B 223 -3.12 0.27 11.45
C GLY B 223 -1.81 0.94 11.10
N LYS B 224 -0.76 0.65 11.87
CA LYS B 224 0.48 1.41 11.69
C LYS B 224 1.13 1.25 10.33
N TYR B 225 0.88 0.07 9.67
CA TYR B 225 1.40 -0.17 8.37
C TYR B 225 0.99 0.93 7.38
N ILE B 226 -0.20 1.55 7.57
CA ILE B 226 -0.81 2.30 6.51
C ILE B 226 -0.90 3.80 6.77
N LEU B 227 -0.28 4.30 7.84
CA LEU B 227 -0.39 5.74 8.14
C LEU B 227 0.18 6.63 7.06
N PRO B 228 1.39 6.38 6.52
CA PRO B 228 1.86 7.33 5.48
C PRO B 228 0.99 7.29 4.17
N THR B 229 0.48 6.09 3.84
CA THR B 229 -0.41 5.90 2.73
C THR B 229 -1.66 6.75 2.95
N ALA B 230 -2.22 6.64 4.18
CA ALA B 230 -3.44 7.41 4.54
C ALA B 230 -3.22 8.87 4.49
N LEU B 231 -2.13 9.38 5.04
CA LEU B 231 -1.82 10.80 4.99
C LEU B 231 -1.68 11.30 3.56
N ALA B 232 -1.03 10.50 2.72
CA ALA B 232 -0.83 10.86 1.34
C ALA B 232 -2.17 11.00 0.61
N ASN B 233 -3.09 10.08 0.83
CA ASN B 233 -4.35 10.20 0.22
C ASN B 233 -5.17 11.37 0.76
N VAL B 234 -5.13 11.53 2.06
CA VAL B 234 -5.84 12.70 2.68
C VAL B 234 -5.32 13.99 1.97
N ASN B 235 -4.02 14.16 1.91
CA ASN B 235 -3.49 15.41 1.41
C ASN B 235 -3.75 15.53 -0.05
N ALA B 236 -3.60 14.42 -0.84
CA ALA B 236 -3.77 14.51 -2.27
C ALA B 236 -5.19 14.99 -2.59
N PHE B 237 -6.18 14.44 -1.92
CA PHE B 237 -7.59 14.83 -2.17
C PHE B 237 -7.90 16.16 -1.55
N TYR B 238 -7.30 16.51 -0.45
CA TYR B 238 -7.46 17.85 0.15
C TYR B 238 -7.03 18.91 -0.85
N ARG B 239 -5.87 18.72 -1.47
CA ARG B 239 -5.37 19.63 -2.50
C ARG B 239 -6.30 19.67 -3.73
N ARG B 240 -6.78 18.53 -4.16
CA ARG B 240 -7.53 18.40 -5.47
C ARG B 240 -8.98 18.76 -5.35
N CYS B 241 -9.53 18.71 -4.16
CA CYS B 241 -11.01 18.87 -3.96
C CYS B 241 -11.26 20.02 -3.03
N PRO B 242 -11.01 21.27 -3.45
CA PRO B 242 -11.13 22.41 -2.57
C PRO B 242 -12.55 22.71 -2.09
N ASP B 243 -13.52 22.27 -2.82
CA ASP B 243 -14.95 22.38 -2.44
C ASP B 243 -15.58 21.25 -1.65
N LYS B 244 -14.73 20.33 -1.21
CA LYS B 244 -15.16 19.20 -0.43
C LYS B 244 -14.37 19.10 0.87
N LEU B 245 -14.94 18.43 1.84
CA LEU B 245 -14.24 18.00 3.01
C LEU B 245 -13.55 16.68 2.80
N VAL B 246 -12.43 16.52 3.49
CA VAL B 246 -11.77 15.24 3.57
C VAL B 246 -11.80 14.70 5.01
N PHE B 247 -12.21 13.45 5.15
CA PHE B 247 -12.18 12.76 6.41
C PHE B 247 -11.00 11.78 6.37
N GLY B 248 -10.15 11.82 7.38
CA GLY B 248 -9.01 10.97 7.44
C GLY B 248 -9.31 9.70 8.20
N CYS B 249 -8.82 8.62 7.61
CA CYS B 249 -8.85 7.30 8.17
C CYS B 249 -7.56 6.52 7.84
N GLY B 250 -6.96 5.92 8.85
CA GLY B 250 -5.85 5.00 8.61
C GLY B 250 -4.71 5.27 9.55
N GLY B 251 -4.40 4.32 10.40
CA GLY B 251 -3.20 4.41 11.19
C GLY B 251 -3.26 5.30 12.38
N VAL B 252 -4.49 5.70 12.83
CA VAL B 252 -4.58 6.58 14.01
C VAL B 252 -4.60 5.75 15.28
N TYR B 253 -3.54 5.94 16.11
CA TYR B 253 -3.40 5.33 17.43
C TYR B 253 -3.25 6.37 18.51
N SER B 254 -3.03 7.61 18.19
CA SER B 254 -2.60 8.63 19.19
C SER B 254 -3.13 9.96 18.72
N GLY B 255 -3.12 10.91 19.61
CA GLY B 255 -3.40 12.28 19.26
C GLY B 255 -2.42 12.85 18.25
N GLU B 256 -1.19 12.45 18.32
CA GLU B 256 -0.22 12.90 17.36
C GLU B 256 -0.55 12.40 15.96
N ASP B 257 -0.98 11.15 15.86
CA ASP B 257 -1.40 10.62 14.56
C ASP B 257 -2.60 11.42 13.99
N ALA B 258 -3.54 11.75 14.83
CA ALA B 258 -4.69 12.59 14.45
C ALA B 258 -4.26 13.98 14.02
N PHE B 259 -3.29 14.55 14.78
CA PHE B 259 -2.71 15.83 14.41
C PHE B 259 -2.11 15.83 13.00
N LEU B 260 -1.42 14.73 12.65
CA LEU B 260 -0.84 14.60 11.34
C LEU B 260 -1.92 14.51 10.22
N HIS B 261 -3.00 13.73 10.50
CA HIS B 261 -4.13 13.68 9.60
C HIS B 261 -4.75 15.07 9.35
N ILE B 262 -4.93 15.83 10.45
CA ILE B 262 -5.49 17.16 10.36
C ILE B 262 -4.57 18.12 9.60
N LEU B 263 -3.27 18.05 9.86
CA LEU B 263 -2.31 18.83 9.10
C LEU B 263 -2.37 18.54 7.62
N ALA B 264 -2.60 17.25 7.27
CA ALA B 264 -2.74 16.85 5.88
C ALA B 264 -4.01 17.31 5.20
N GLY B 265 -4.96 17.68 6.02
CA GLY B 265 -6.25 18.11 5.52
C GLY B 265 -7.53 17.56 6.14
N ALA B 266 -7.42 16.65 7.07
CA ALA B 266 -8.61 16.00 7.62
C ALA B 266 -9.54 16.94 8.44
N SER B 267 -10.82 16.80 8.19
CA SER B 267 -11.83 17.44 9.01
C SER B 267 -12.32 16.51 10.11
N MET B 268 -12.80 15.32 9.82
CA MET B 268 -12.98 14.26 10.80
C MET B 268 -11.86 13.27 10.65
N VAL B 269 -11.65 12.58 11.77
CA VAL B 269 -10.61 11.58 11.92
C VAL B 269 -11.23 10.28 12.44
N GLN B 270 -11.15 9.26 11.62
CA GLN B 270 -11.76 7.97 11.93
C GLN B 270 -10.71 6.97 12.45
N VAL B 271 -11.18 6.10 13.32
CA VAL B 271 -10.27 5.19 14.05
C VAL B 271 -10.81 3.76 13.91
N GLY B 272 -10.03 2.87 13.25
CA GLY B 272 -10.44 1.54 12.95
C GLY B 272 -9.71 0.57 13.85
N THR B 273 -8.56 0.01 13.36
CA THR B 273 -7.76 -0.95 14.09
C THR B 273 -7.55 -0.60 15.54
N ALA B 274 -7.08 0.61 15.80
CA ALA B 274 -6.75 0.98 17.18
C ALA B 274 -8.00 0.90 18.12
N LEU B 275 -9.14 1.23 17.58
CA LEU B 275 -10.40 1.13 18.27
C LEU B 275 -10.81 -0.30 18.48
N GLN B 276 -10.65 -1.13 17.49
CA GLN B 276 -10.94 -2.54 17.63
C GLN B 276 -10.05 -3.16 18.74
N GLU B 277 -8.80 -2.73 18.82
CA GLU B 277 -7.86 -3.29 19.76
C GLU B 277 -7.99 -2.75 21.15
N GLU B 278 -8.23 -1.43 21.30
CA GLU B 278 -8.24 -0.72 22.59
C GLU B 278 -9.62 -0.59 23.17
N GLY B 279 -10.64 -0.57 22.36
CA GLY B 279 -11.99 -0.29 22.78
C GLY B 279 -12.30 1.22 22.85
N PRO B 280 -13.53 1.58 23.16
CA PRO B 280 -14.01 2.93 23.04
C PRO B 280 -13.47 3.94 24.03
N GLY B 281 -12.79 3.45 25.07
CA GLY B 281 -11.94 4.32 25.89
C GLY B 281 -10.96 5.13 25.12
N ILE B 282 -10.54 4.61 23.93
CA ILE B 282 -9.57 5.29 23.14
C ILE B 282 -9.93 6.70 22.85
N PHE B 283 -11.23 7.07 22.74
CA PHE B 283 -11.59 8.38 22.33
C PHE B 283 -11.26 9.43 23.40
N THR B 284 -11.32 9.11 24.66
CA THR B 284 -10.94 10.11 25.64
C THR B 284 -9.47 10.37 25.57
N ARG B 285 -8.63 9.35 25.39
CA ARG B 285 -7.21 9.47 25.26
C ARG B 285 -6.85 10.26 24.02
N LEU B 286 -7.43 9.99 22.86
CA LEU B 286 -7.13 10.72 21.67
C LEU B 286 -7.43 12.21 21.82
N GLU B 287 -8.56 12.52 22.46
CA GLU B 287 -8.93 13.92 22.66
C GLU B 287 -7.90 14.59 23.56
N ASP B 288 -7.55 13.96 24.67
CA ASP B 288 -6.59 14.53 25.60
C ASP B 288 -5.27 14.76 24.91
N GLU B 289 -4.79 13.75 24.17
CA GLU B 289 -3.52 13.85 23.51
C GLU B 289 -3.55 14.95 22.43
N LEU B 290 -4.59 15.07 21.63
CA LEU B 290 -4.63 16.08 20.59
C LEU B 290 -4.69 17.49 21.27
N LEU B 291 -5.45 17.67 22.31
CA LEU B 291 -5.48 18.99 22.99
C LEU B 291 -4.09 19.29 23.58
N GLU B 292 -3.35 18.32 24.11
CA GLU B 292 -2.04 18.55 24.68
C GLU B 292 -1.11 19.03 23.58
N ILE B 293 -1.10 18.42 22.42
CA ILE B 293 -0.20 18.86 21.36
C ILE B 293 -0.57 20.28 20.87
N MET B 294 -1.84 20.56 20.74
CA MET B 294 -2.34 21.91 20.38
C MET B 294 -1.84 22.92 21.45
N ALA B 295 -2.00 22.61 22.70
CA ALA B 295 -1.58 23.56 23.77
C ALA B 295 -0.09 23.81 23.66
N ARG B 296 0.73 22.78 23.44
CA ARG B 296 2.19 22.96 23.41
C ARG B 296 2.59 23.80 22.23
N LYS B 297 1.83 23.80 21.15
CA LYS B 297 2.09 24.55 19.94
C LYS B 297 1.39 25.93 19.89
N GLY B 298 0.48 26.24 20.82
CA GLY B 298 -0.20 27.47 20.78
C GLY B 298 -1.40 27.49 19.89
N TYR B 299 -1.88 26.29 19.46
CA TYR B 299 -3.06 26.28 18.65
C TYR B 299 -4.35 26.23 19.50
N ARG B 300 -5.27 27.07 19.16
CA ARG B 300 -6.55 27.15 19.87
C ARG B 300 -7.66 26.45 19.08
N THR B 301 -7.52 26.27 17.76
CA THR B 301 -8.56 25.73 16.94
C THR B 301 -7.94 24.71 16.00
N LEU B 302 -8.79 23.83 15.48
CA LEU B 302 -8.38 22.94 14.37
C LEU B 302 -8.17 23.65 13.12
N GLU B 303 -8.95 24.65 12.86
CA GLU B 303 -8.83 25.38 11.63
C GLU B 303 -7.48 26.04 11.46
N GLU B 304 -6.86 26.39 12.56
CA GLU B 304 -5.57 27.04 12.50
C GLU B 304 -4.54 26.19 11.77
N PHE B 305 -4.62 24.88 11.90
CA PHE B 305 -3.61 24.04 11.26
C PHE B 305 -4.11 23.02 10.23
N ARG B 306 -5.41 22.93 10.01
CA ARG B 306 -5.92 21.97 9.07
C ARG B 306 -5.37 22.26 7.72
N GLY B 307 -4.79 21.23 7.05
CA GLY B 307 -4.23 21.39 5.76
C GLY B 307 -2.92 22.16 5.64
N ARG B 308 -2.38 22.54 6.78
CA ARG B 308 -1.22 23.43 6.76
C ARG B 308 0.10 22.76 6.84
N VAL B 309 0.13 21.47 6.50
CA VAL B 309 1.43 20.77 6.39
C VAL B 309 2.31 21.66 5.52
N LYS B 310 3.55 21.76 5.96
CA LYS B 310 4.59 22.49 5.23
C LYS B 310 5.36 21.61 4.25
N THR B 311 5.66 22.15 3.11
CA THR B 311 6.55 21.52 2.13
C THR B 311 7.92 22.14 2.19
N ILE B 312 8.93 21.50 1.67
CA ILE B 312 10.30 22.05 1.63
C ILE B 312 10.58 22.75 0.32
N GLU B 313 10.96 24.03 0.46
CA GLU B 313 10.86 25.02 -0.64
C GLU B 313 9.42 25.09 -1.23
#